data_3I99
#
_entry.id   3I99
#
_cell.length_a   84.334
_cell.length_b   84.334
_cell.length_c   53.335
_cell.angle_alpha   90.00
_cell.angle_beta   90.00
_cell.angle_gamma   90.00
#
_symmetry.space_group_name_H-M   'P 43'
#
loop_
_entity.id
_entity.type
_entity.pdbx_description
1 polymer 'UDP-N-acetylenolpyruvoylglucosamine reductase'
2 non-polymer 'FLAVIN-ADENINE DINUCLEOTIDE'
3 non-polymer 'PHOSPHATE ION'
4 water water
#
_entity_poly.entity_id   1
_entity_poly.type   'polypeptide(L)'
_entity_poly.pdbx_seq_one_letter_code
;(MSE)ASLSYPKTT(MSE)QIQLGANLKPYHTFGIEQLAAQLVVAESIDDLKALYCSAEWASLPKLIIGKGSN(MSE)LF
TCHYTG(MSE)IVVNRLNGIEHQQDDDYHRLHVAGGEDWPSLVSWCVEQGIGGLENLALIPGCAGSAPIQNIGAYGVEFK
DVCDYVEYLCLETGTVKRLT(MSE)EECQFGYRDSIFKHQLYQKAVVTAVGLKFAKAWQPIIQYGPLKDLSSDCAIHDVY
QRVCATR(MSE)EKLPDPAV(MSE)GNAGSFFKNPVISQQAFARLQIEHPDVVAYPAEQGVKVAAGWLIDQAGLKGHQIG
GAKVHPKQALVIVNTGDASAQDVL(MSE)LAADIQQRVFNCYGIELEHEVRFIGESEETNLKQW(MSE)SEQA
;
_entity_poly.pdbx_strand_id   A
#
loop_
_chem_comp.id
_chem_comp.type
_chem_comp.name
_chem_comp.formula
FAD non-polymer 'FLAVIN-ADENINE DINUCLEOTIDE' 'C27 H33 N9 O15 P2'
PO4 non-polymer 'PHOSPHATE ION' 'O4 P -3'
#
# COMPACT_ATOMS: atom_id res chain seq x y z
N THR A 9 -22.09 18.98 -9.75
CA THR A 9 -21.36 19.51 -8.57
C THR A 9 -19.98 18.74 -8.51
N THR A 10 -19.58 18.00 -9.59
CA THR A 10 -18.18 17.37 -9.74
C THR A 10 -17.10 18.31 -10.25
N MSE A 11 -15.85 17.91 -9.97
CA MSE A 11 -14.70 18.75 -10.22
C MSE A 11 -14.87 20.06 -9.45
O MSE A 11 -14.45 21.13 -9.92
CB MSE A 11 -14.52 19.00 -11.72
CG MSE A 11 -14.09 17.76 -12.48
SE MSE A 11 -12.12 17.57 -12.36
CE MSE A 11 -11.81 18.70 -13.93
N GLN A 12 -15.50 20.01 -8.27
CA GLN A 12 -15.52 21.21 -7.44
C GLN A 12 -14.26 21.26 -6.62
N ILE A 13 -13.49 22.32 -6.77
CA ILE A 13 -12.30 22.44 -5.98
C ILE A 13 -12.68 22.79 -4.55
N GLN A 14 -12.20 21.99 -3.60
CA GLN A 14 -12.32 22.34 -2.16
C GLN A 14 -11.10 23.13 -1.74
N LEU A 15 -11.31 24.32 -1.21
CA LEU A 15 -10.24 25.07 -0.66
C LEU A 15 -10.16 24.83 0.84
N GLY A 16 -8.93 24.78 1.38
CA GLY A 16 -8.71 24.58 2.79
C GLY A 16 -9.40 23.36 3.34
N ALA A 17 -9.34 22.24 2.61
CA ALA A 17 -9.93 20.96 2.99
C ALA A 17 -9.19 20.24 4.09
N ASN A 18 -9.91 19.76 5.12
CA ASN A 18 -9.30 18.96 6.18
C ASN A 18 -8.97 17.64 5.57
N LEU A 19 -7.81 17.12 5.95
CA LEU A 19 -7.29 15.90 5.37
C LEU A 19 -7.62 14.62 6.13
N LYS A 20 -8.22 14.69 7.31
CA LYS A 20 -8.46 13.48 8.11
C LYS A 20 -9.29 12.43 7.35
N PRO A 21 -10.36 12.88 6.66
CA PRO A 21 -11.18 11.95 5.84
C PRO A 21 -10.43 11.37 4.67
N TYR A 22 -9.20 11.87 4.41
CA TYR A 22 -8.53 11.51 3.21
C TYR A 22 -7.29 10.66 3.41
N HIS A 23 -6.87 10.39 4.65
CA HIS A 23 -5.79 9.45 4.82
C HIS A 23 -6.02 8.66 6.15
N THR A 24 -5.52 7.42 6.27
CA THR A 24 -5.91 6.53 7.36
C THR A 24 -5.20 6.83 8.72
N PHE A 25 -4.08 7.54 8.72
CA PHE A 25 -3.46 8.04 9.96
C PHE A 25 -4.38 9.00 10.66
N GLY A 26 -5.25 9.67 9.89
CA GLY A 26 -6.31 10.51 10.51
C GLY A 26 -5.64 11.63 11.30
N ILE A 27 -4.51 12.16 10.83
CA ILE A 27 -3.85 13.22 11.57
C ILE A 27 -4.45 14.58 11.17
N GLU A 28 -4.67 15.43 12.14
CA GLU A 28 -5.27 16.77 11.90
C GLU A 28 -4.39 17.64 10.93
N GLN A 29 -4.90 18.09 9.79
CA GLN A 29 -4.09 18.78 8.80
C GLN A 29 -4.98 19.27 7.66
N LEU A 30 -4.53 20.25 6.87
CA LEU A 30 -5.31 20.62 5.75
C LEU A 30 -4.52 20.90 4.46
N ALA A 31 -5.27 20.96 3.36
CA ALA A 31 -4.72 21.09 2.01
C ALA A 31 -5.21 22.39 1.47
N ALA A 32 -4.31 23.19 0.88
CA ALA A 32 -4.75 24.41 0.16
C ALA A 32 -5.92 24.17 -0.79
N GLN A 33 -5.87 23.05 -1.51
CA GLN A 33 -6.87 22.73 -2.49
C GLN A 33 -7.02 21.24 -2.63
N LEU A 34 -8.24 20.79 -2.88
CA LEU A 34 -8.47 19.39 -3.04
C LEU A 34 -9.61 19.21 -3.99
N VAL A 35 -9.52 18.16 -4.82
CA VAL A 35 -10.52 17.88 -5.83
C VAL A 35 -10.64 16.37 -5.98
N VAL A 36 -11.87 15.93 -6.22
CA VAL A 36 -12.15 14.51 -6.56
C VAL A 36 -12.28 14.28 -8.05
N ALA A 37 -11.43 13.41 -8.61
CA ALA A 37 -11.48 13.05 -10.04
C ALA A 37 -12.25 11.74 -10.11
N GLU A 38 -13.04 11.62 -11.16
CA GLU A 38 -14.09 10.58 -11.30
C GLU A 38 -14.08 9.93 -12.67
N SER A 39 -13.27 10.48 -13.60
CA SER A 39 -13.10 9.97 -14.96
C SER A 39 -11.69 10.25 -15.54
N ILE A 40 -11.31 9.51 -16.58
CA ILE A 40 -10.11 9.85 -17.39
C ILE A 40 -10.10 11.31 -17.83
N ASP A 41 -11.22 11.79 -18.32
CA ASP A 41 -11.32 13.17 -18.68
C ASP A 41 -11.07 14.17 -17.54
N ASP A 42 -11.56 13.88 -16.32
CA ASP A 42 -11.21 14.75 -15.19
C ASP A 42 -9.68 14.79 -15.01
N LEU A 43 -8.99 13.64 -15.04
CA LEU A 43 -7.54 13.63 -14.81
C LEU A 43 -6.85 14.38 -15.93
N LYS A 44 -7.34 14.21 -17.15
CA LYS A 44 -6.84 14.95 -18.26
C LYS A 44 -7.03 16.47 -18.13
N ALA A 45 -8.20 16.94 -17.75
CA ALA A 45 -8.36 18.36 -17.43
C ALA A 45 -7.45 18.80 -16.24
N LEU A 46 -7.39 17.98 -15.19
CA LEU A 46 -6.58 18.35 -14.05
C LEU A 46 -5.07 18.43 -14.36
N TYR A 47 -4.56 17.48 -15.10
CA TYR A 47 -3.12 17.40 -15.27
C TYR A 47 -2.61 17.91 -16.64
N CYS A 48 -3.44 17.87 -17.67
CA CYS A 48 -2.99 18.20 -19.02
C CYS A 48 -3.75 19.31 -19.63
N SER A 49 -3.93 20.38 -18.88
CA SER A 49 -4.61 21.57 -19.38
C SER A 49 -4.04 22.81 -18.68
N ALA A 50 -4.28 23.98 -19.25
CA ALA A 50 -3.86 25.24 -18.61
C ALA A 50 -4.57 25.53 -17.28
N GLU A 51 -5.77 25.01 -17.08
CA GLU A 51 -6.47 25.32 -15.83
C GLU A 51 -5.92 24.45 -14.72
N TRP A 52 -5.54 25.05 -13.60
CA TRP A 52 -4.81 24.29 -12.54
C TRP A 52 -3.38 23.89 -12.89
N ALA A 53 -2.86 24.36 -14.00
CA ALA A 53 -1.43 24.25 -14.27
C ALA A 53 -0.61 24.97 -13.19
N SER A 54 -1.25 25.89 -12.46
CA SER A 54 -0.56 26.65 -11.39
C SER A 54 -0.12 25.82 -10.16
N LEU A 55 -0.90 24.82 -9.75
CA LEU A 55 -0.59 24.13 -8.51
C LEU A 55 0.15 22.85 -8.72
N PRO A 56 1.19 22.58 -7.90
CA PRO A 56 1.68 21.20 -7.82
C PRO A 56 0.50 20.32 -7.38
N LYS A 57 0.53 19.05 -7.78
CA LYS A 57 -0.61 18.15 -7.59
C LYS A 57 -0.10 16.89 -6.95
N LEU A 58 -0.86 16.34 -5.99
CA LEU A 58 -0.52 15.04 -5.44
C LEU A 58 -1.71 14.14 -5.64
N ILE A 59 -1.50 13.05 -6.36
CA ILE A 59 -2.56 12.12 -6.63
C ILE A 59 -2.60 11.21 -5.39
N ILE A 60 -3.79 11.03 -4.79
CA ILE A 60 -3.96 10.05 -3.70
C ILE A 60 -5.14 9.12 -4.02
N GLY A 61 -5.05 7.89 -3.49
CA GLY A 61 -6.18 6.96 -3.39
C GLY A 61 -6.92 7.09 -2.09
N LYS A 62 -6.72 6.15 -1.17
CA LYS A 62 -7.24 6.28 0.20
C LYS A 62 -6.25 6.89 1.24
N GLY A 63 -5.12 7.44 0.83
CA GLY A 63 -4.10 7.90 1.80
C GLY A 63 -3.77 6.85 2.87
N SER A 64 -3.77 5.56 2.51
CA SER A 64 -3.50 4.54 3.48
C SER A 64 -2.02 4.20 3.44
N ASN A 65 -1.22 4.93 2.65
CA ASN A 65 0.24 4.72 2.69
C ASN A 65 0.99 6.07 2.75
N MSE A 66 0.43 6.99 3.51
CA MSE A 66 0.79 8.40 3.45
C MSE A 66 0.79 9.06 4.83
O MSE A 66 -0.08 8.79 5.65
CB MSE A 66 -0.28 9.10 2.67
CG MSE A 66 0.23 10.31 2.06
SE MSE A 66 -0.99 10.82 0.63
CE MSE A 66 -0.35 9.55 -0.64
N LEU A 67 1.75 9.94 5.05
CA LEU A 67 1.83 10.81 6.18
C LEU A 67 2.07 12.25 5.70
N PHE A 68 1.08 13.13 5.94
CA PHE A 68 1.19 14.60 5.77
C PHE A 68 1.89 15.18 6.96
N THR A 69 2.86 16.00 6.69
CA THR A 69 3.88 16.29 7.62
C THR A 69 3.75 17.76 7.89
N CYS A 70 2.98 18.49 7.08
CA CYS A 70 2.70 19.94 7.32
C CYS A 70 1.50 20.38 6.45
N HIS A 71 1.10 21.67 6.51
CA HIS A 71 0.08 22.26 5.64
C HIS A 71 0.40 21.88 4.21
N TYR A 72 -0.52 21.22 3.53
CA TYR A 72 -0.25 20.89 2.15
C TYR A 72 -0.65 22.05 1.24
N THR A 73 0.35 22.62 0.58
CA THR A 73 0.07 23.84 -0.17
C THR A 73 -0.22 23.64 -1.67
N GLY A 74 -0.23 22.40 -2.14
CA GLY A 74 -0.61 22.10 -3.52
C GLY A 74 -2.10 21.77 -3.67
N MSE A 75 -2.43 21.05 -4.72
CA MSE A 75 -3.77 20.56 -4.89
C MSE A 75 -3.69 19.05 -4.73
O MSE A 75 -2.88 18.40 -5.36
CB MSE A 75 -4.28 20.89 -6.26
CG MSE A 75 -5.74 20.58 -6.39
SE MSE A 75 -6.15 20.76 -8.31
CE MSE A 75 -7.74 21.82 -8.12
N ILE A 76 -4.50 18.51 -3.84
CA ILE A 76 -4.63 17.11 -3.71
C ILE A 76 -5.65 16.64 -4.77
N VAL A 77 -5.34 15.54 -5.45
CA VAL A 77 -6.28 14.99 -6.47
C VAL A 77 -6.74 13.61 -5.99
N VAL A 78 -8.02 13.48 -5.70
CA VAL A 78 -8.47 12.22 -5.09
C VAL A 78 -8.98 11.32 -6.20
N ASN A 79 -8.33 10.18 -6.35
CA ASN A 79 -8.66 9.24 -7.41
C ASN A 79 -9.92 8.43 -7.10
N ARG A 80 -11.05 8.77 -7.69
CA ARG A 80 -12.24 7.96 -7.60
C ARG A 80 -12.78 7.55 -9.00
N LEU A 81 -11.88 7.20 -9.92
CA LEU A 81 -12.35 6.61 -11.21
C LEU A 81 -12.91 5.20 -10.91
N ASN A 82 -14.18 4.95 -11.21
CA ASN A 82 -14.85 3.67 -10.95
C ASN A 82 -15.05 2.83 -12.22
N GLY A 83 -15.11 1.51 -12.07
CA GLY A 83 -15.54 0.60 -13.10
C GLY A 83 -14.80 -0.72 -12.97
N ILE A 84 -15.51 -1.82 -13.04
CA ILE A 84 -14.91 -3.13 -13.07
C ILE A 84 -15.54 -3.76 -14.30
N GLU A 85 -14.74 -4.11 -15.30
CA GLU A 85 -15.28 -5.00 -16.37
C GLU A 85 -14.66 -6.37 -16.30
N HIS A 86 -15.42 -7.38 -16.69
CA HIS A 86 -15.02 -8.76 -16.51
C HIS A 86 -15.14 -9.50 -17.81
N GLN A 87 -14.16 -10.31 -18.10
CA GLN A 87 -14.33 -11.23 -19.20
C GLN A 87 -13.52 -12.47 -18.92
N GLN A 88 -13.72 -13.49 -19.74
CA GLN A 88 -13.06 -14.76 -19.48
C GLN A 88 -12.82 -15.64 -20.66
N ASP A 89 -11.63 -16.25 -20.67
CA ASP A 89 -11.16 -17.29 -21.60
C ASP A 89 -11.74 -18.65 -21.29
N ASP A 90 -11.23 -19.63 -22.02
CA ASP A 90 -11.24 -21.00 -21.56
C ASP A 90 -10.36 -21.16 -20.34
N ASP A 91 -9.25 -20.42 -20.33
CA ASP A 91 -8.16 -20.53 -19.36
C ASP A 91 -8.16 -19.46 -18.25
N TYR A 92 -8.68 -18.26 -18.51
CA TYR A 92 -8.54 -17.14 -17.58
C TYR A 92 -9.76 -16.31 -17.37
N HIS A 93 -9.78 -15.68 -16.21
CA HIS A 93 -10.57 -14.49 -15.98
C HIS A 93 -9.69 -13.30 -16.15
N ARG A 94 -10.25 -12.24 -16.71
CA ARG A 94 -9.56 -10.99 -16.83
C ARG A 94 -10.47 -9.89 -16.39
N LEU A 95 -9.91 -8.94 -15.65
CA LEU A 95 -10.73 -7.86 -15.21
C LEU A 95 -10.04 -6.62 -15.66
N HIS A 96 -10.79 -5.59 -15.99
CA HIS A 96 -10.23 -4.29 -16.23
C HIS A 96 -10.85 -3.47 -15.16
N VAL A 97 -10.00 -3.04 -14.22
CA VAL A 97 -10.42 -2.29 -13.04
C VAL A 97 -9.95 -0.83 -13.08
N ALA A 98 -10.90 0.11 -13.12
CA ALA A 98 -10.65 1.52 -12.96
C ALA A 98 -9.89 1.85 -11.68
N GLY A 99 -8.98 2.82 -11.77
CA GLY A 99 -7.95 2.99 -10.74
C GLY A 99 -8.47 3.46 -9.41
N GLY A 100 -9.64 4.07 -9.42
CA GLY A 100 -10.22 4.52 -8.21
C GLY A 100 -11.00 3.50 -7.41
N GLU A 101 -11.21 2.30 -7.94
CA GLU A 101 -12.00 1.31 -7.24
C GLU A 101 -11.41 0.96 -5.90
N ASP A 102 -12.25 0.82 -4.90
CA ASP A 102 -11.81 0.42 -3.56
C ASP A 102 -11.29 -1.04 -3.57
N TRP A 103 -10.08 -1.25 -3.05
CA TRP A 103 -9.43 -2.56 -3.12
C TRP A 103 -10.12 -3.66 -2.25
N PRO A 104 -10.30 -3.39 -0.93
CA PRO A 104 -11.00 -4.42 -0.14
C PRO A 104 -12.34 -4.77 -0.81
N SER A 105 -13.09 -3.78 -1.31
CA SER A 105 -14.35 -4.12 -2.06
C SER A 105 -14.13 -5.01 -3.28
N LEU A 106 -13.07 -4.72 -4.03
CA LEU A 106 -12.77 -5.48 -5.26
C LEU A 106 -12.47 -6.97 -4.94
N VAL A 107 -11.73 -7.18 -3.86
CA VAL A 107 -11.36 -8.54 -3.54
C VAL A 107 -12.65 -9.24 -3.11
N SER A 108 -13.52 -8.55 -2.37
CA SER A 108 -14.78 -9.20 -1.97
C SER A 108 -15.71 -9.54 -3.13
N TRP A 109 -15.58 -8.79 -4.19
CA TRP A 109 -16.36 -8.95 -5.35
C TRP A 109 -15.86 -10.20 -6.08
N CYS A 110 -14.54 -10.28 -6.27
CA CYS A 110 -13.94 -11.44 -6.92
C CYS A 110 -14.38 -12.69 -6.25
N VAL A 111 -14.19 -12.71 -4.94
CA VAL A 111 -14.57 -13.84 -4.10
C VAL A 111 -16.07 -14.18 -4.31
N GLU A 112 -16.95 -13.18 -4.18
CA GLU A 112 -18.34 -13.50 -4.43
C GLU A 112 -18.65 -13.97 -5.88
N GLN A 113 -17.90 -13.52 -6.91
CA GLN A 113 -18.09 -14.00 -8.28
C GLN A 113 -17.50 -15.39 -8.46
N GLY A 114 -16.86 -15.96 -7.43
CA GLY A 114 -16.08 -17.19 -7.66
C GLY A 114 -14.82 -16.99 -8.46
N ILE A 115 -14.27 -15.77 -8.50
CA ILE A 115 -13.00 -15.58 -9.23
C ILE A 115 -11.82 -15.83 -8.29
N GLY A 116 -11.15 -16.96 -8.42
CA GLY A 116 -10.05 -17.25 -7.50
C GLY A 116 -8.73 -16.59 -7.86
N GLY A 117 -8.02 -16.16 -6.81
CA GLY A 117 -6.60 -15.74 -6.93
C GLY A 117 -6.27 -14.39 -6.28
N LEU A 118 -7.29 -13.63 -5.84
CA LEU A 118 -7.03 -12.31 -5.29
C LEU A 118 -7.15 -12.39 -3.76
N GLU A 119 -7.62 -13.52 -3.25
CA GLU A 119 -8.12 -13.54 -1.87
C GLU A 119 -7.04 -13.29 -0.78
N ASN A 120 -5.78 -13.68 -0.99
CA ASN A 120 -4.72 -13.34 -0.02
C ASN A 120 -4.50 -11.83 0.20
N LEU A 121 -4.98 -11.04 -0.79
CA LEU A 121 -4.92 -9.59 -0.76
C LEU A 121 -6.17 -8.94 -0.17
N ALA A 122 -7.04 -9.77 0.40
CA ALA A 122 -8.20 -9.28 1.13
C ALA A 122 -7.86 -8.13 2.08
N LEU A 123 -8.77 -7.11 2.10
CA LEU A 123 -8.82 -6.06 3.10
C LEU A 123 -7.63 -5.16 3.11
N ILE A 124 -6.73 -5.28 2.14
CA ILE A 124 -5.68 -4.21 2.06
C ILE A 124 -6.35 -2.89 1.68
N PRO A 125 -6.29 -1.86 2.54
CA PRO A 125 -6.94 -0.58 2.14
C PRO A 125 -6.25 0.05 0.93
N GLY A 126 -6.96 0.91 0.22
CA GLY A 126 -6.41 1.51 -1.00
C GLY A 126 -7.33 1.38 -2.21
N CYS A 127 -6.94 2.10 -3.27
CA CYS A 127 -7.54 2.08 -4.59
C CYS A 127 -6.78 1.10 -5.51
N ALA A 128 -7.47 0.44 -6.47
CA ALA A 128 -6.88 -0.47 -7.41
C ALA A 128 -5.72 0.22 -8.16
N GLY A 129 -5.85 1.50 -8.49
CA GLY A 129 -4.80 2.22 -9.16
C GLY A 129 -3.55 2.36 -8.32
N SER A 130 -3.67 2.43 -6.99
CA SER A 130 -2.44 2.45 -6.16
C SER A 130 -1.74 1.10 -5.99
N ALA A 131 -2.46 0.00 -6.28
CA ALA A 131 -1.93 -1.35 -6.02
C ALA A 131 -0.57 -1.59 -6.70
N PRO A 132 -0.45 -1.20 -7.98
CA PRO A 132 0.84 -1.45 -8.57
C PRO A 132 1.98 -0.57 -8.01
N ILE A 133 1.69 0.61 -7.47
CA ILE A 133 2.72 1.59 -7.14
C ILE A 133 3.72 0.97 -6.15
N GLN A 134 3.20 0.36 -5.09
CA GLN A 134 4.07 -0.38 -4.18
C GLN A 134 3.96 -1.90 -4.24
N ASN A 135 3.43 -2.39 -5.37
CA ASN A 135 3.29 -3.82 -5.58
C ASN A 135 2.74 -4.46 -4.28
N ILE A 136 1.52 -4.10 -3.88
CA ILE A 136 0.99 -4.61 -2.58
C ILE A 136 1.12 -6.14 -2.46
N GLY A 137 1.38 -6.59 -1.25
CA GLY A 137 1.49 -8.03 -1.04
C GLY A 137 1.13 -8.38 0.37
N ALA A 138 0.73 -9.63 0.56
CA ALA A 138 0.33 -10.15 1.90
C ALA A 138 0.13 -11.63 1.75
N TYR A 139 0.37 -12.36 2.83
CA TYR A 139 0.10 -13.83 2.86
C TYR A 139 0.66 -14.55 1.65
N GLY A 140 1.79 -14.05 1.13
CA GLY A 140 2.61 -14.73 0.14
C GLY A 140 2.27 -14.42 -1.33
N VAL A 141 1.39 -13.44 -1.54
CA VAL A 141 0.97 -12.98 -2.86
C VAL A 141 1.24 -11.51 -3.00
N GLU A 142 1.57 -11.08 -4.20
CA GLU A 142 1.87 -9.69 -4.51
C GLU A 142 1.08 -9.42 -5.72
N PHE A 143 0.76 -8.13 -5.91
CA PHE A 143 0.12 -7.64 -7.09
C PHE A 143 0.75 -8.14 -8.42
N LYS A 144 2.07 -8.17 -8.53
CA LYS A 144 2.68 -8.59 -9.80
C LYS A 144 2.21 -9.99 -10.23
N ASP A 145 1.79 -10.79 -9.25
CA ASP A 145 1.39 -12.20 -9.46
C ASP A 145 0.04 -12.27 -10.21
N VAL A 146 -0.81 -11.25 -10.05
CA VAL A 146 -2.17 -11.25 -10.68
C VAL A 146 -2.31 -10.16 -11.79
N CYS A 147 -1.21 -9.46 -12.02
CA CYS A 147 -1.24 -8.32 -12.89
C CYS A 147 -1.08 -8.71 -14.37
N ASP A 148 -1.94 -8.20 -15.21
CA ASP A 148 -1.89 -8.43 -16.67
C ASP A 148 -1.22 -7.19 -17.26
N TYR A 149 -1.73 -6.02 -16.88
CA TYR A 149 -1.18 -4.76 -17.33
C TYR A 149 -1.56 -3.66 -16.40
N VAL A 150 -0.91 -2.52 -16.58
CA VAL A 150 -1.32 -1.30 -15.92
C VAL A 150 -1.50 -0.23 -16.99
N GLU A 151 -2.59 0.56 -16.91
CA GLU A 151 -2.78 1.70 -17.81
C GLU A 151 -2.60 2.99 -17.01
N TYR A 152 -1.99 3.95 -17.66
CA TYR A 152 -1.80 5.21 -17.00
C TYR A 152 -1.94 6.36 -17.96
N LEU A 153 -2.40 7.50 -17.41
CA LEU A 153 -2.33 8.82 -18.07
C LEU A 153 -0.87 9.27 -18.09
N CYS A 154 -0.35 9.42 -19.29
CA CYS A 154 0.98 9.88 -19.45
C CYS A 154 0.97 11.38 -19.41
N LEU A 155 1.59 11.92 -18.35
CA LEU A 155 1.65 13.35 -18.16
C LEU A 155 2.33 14.12 -19.26
N GLU A 156 3.21 13.52 -20.03
CA GLU A 156 3.82 14.21 -21.16
C GLU A 156 2.95 14.30 -22.41
N THR A 157 2.09 13.30 -22.63
CA THR A 157 1.34 13.30 -23.85
C THR A 157 -0.11 13.74 -23.61
N GLY A 158 -0.66 13.44 -22.46
CA GLY A 158 -2.07 13.69 -22.26
C GLY A 158 -2.90 12.55 -22.82
N THR A 159 -2.25 11.40 -23.05
CA THR A 159 -2.95 10.18 -23.51
C THR A 159 -2.68 9.02 -22.57
N VAL A 160 -3.55 8.00 -22.62
CA VAL A 160 -3.40 6.81 -21.81
C VAL A 160 -2.46 5.79 -22.48
N LYS A 161 -1.48 5.33 -21.71
CA LYS A 161 -0.54 4.30 -22.16
C LYS A 161 -0.69 3.00 -21.38
N ARG A 162 -0.14 1.93 -21.89
CA ARG A 162 -0.29 0.66 -21.19
C ARG A 162 1.10 -0.02 -20.98
N LEU A 163 1.36 -0.57 -19.79
CA LEU A 163 2.54 -1.35 -19.54
C LEU A 163 2.14 -2.79 -19.30
N THR A 164 2.89 -3.75 -19.85
CA THR A 164 2.65 -5.11 -19.42
C THR A 164 3.18 -5.25 -17.99
N MSE A 165 2.76 -6.31 -17.30
CA MSE A 165 3.29 -6.64 -15.96
C MSE A 165 4.81 -6.58 -15.99
O MSE A 165 5.37 -6.09 -15.00
CB MSE A 165 2.76 -7.98 -15.46
CG MSE A 165 3.24 -8.37 -14.04
SE MSE A 165 5.00 -9.26 -14.09
CE MSE A 165 4.45 -10.98 -14.90
N GLU A 166 5.47 -7.04 -17.07
CA GLU A 166 6.94 -7.03 -17.14
C GLU A 166 7.47 -5.63 -17.16
N GLU A 167 6.86 -4.79 -17.96
CA GLU A 167 7.33 -3.41 -18.03
C GLU A 167 7.08 -2.62 -16.77
N CYS A 168 6.28 -3.13 -15.85
CA CYS A 168 6.13 -2.39 -14.59
C CYS A 168 7.31 -2.45 -13.65
N GLN A 169 8.23 -3.38 -13.94
CA GLN A 169 9.43 -3.53 -13.12
C GLN A 169 9.11 -3.71 -11.62
N PHE A 170 8.25 -4.67 -11.30
CA PHE A 170 7.79 -4.87 -9.93
C PHE A 170 8.88 -5.35 -9.02
N GLY A 171 8.98 -4.88 -7.79
CA GLY A 171 9.93 -5.59 -6.89
C GLY A 171 9.19 -5.59 -5.59
N TYR A 172 9.82 -6.09 -4.54
CA TYR A 172 9.26 -5.96 -3.19
C TYR A 172 8.91 -4.49 -2.88
N ARG A 173 7.62 -4.15 -2.71
CA ARG A 173 7.23 -2.76 -2.40
C ARG A 173 7.88 -1.80 -3.42
N ASP A 174 7.91 -2.21 -4.70
CA ASP A 174 8.56 -1.37 -5.67
C ASP A 174 8.00 -1.52 -7.06
N SER A 175 8.10 -0.46 -7.87
CA SER A 175 7.74 -0.55 -9.27
C SER A 175 8.30 0.67 -10.04
N ILE A 176 8.13 0.67 -11.39
CA ILE A 176 8.58 1.76 -12.25
C ILE A 176 7.93 3.11 -11.89
N PHE A 177 6.71 3.07 -11.31
CA PHE A 177 5.99 4.31 -10.85
C PHE A 177 6.64 4.92 -9.64
N LYS A 178 7.58 4.23 -9.01
CA LYS A 178 8.39 4.93 -8.01
C LYS A 178 9.73 5.34 -8.61
N HIS A 179 9.98 5.03 -9.88
CA HIS A 179 11.26 5.45 -10.51
C HIS A 179 11.09 6.31 -11.73
N GLN A 180 11.34 5.75 -12.91
CA GLN A 180 11.19 6.45 -14.17
C GLN A 180 9.81 7.15 -14.25
N LEU A 181 8.74 6.50 -13.79
CA LEU A 181 7.40 7.04 -13.99
C LEU A 181 6.88 7.80 -12.80
N TYR A 182 7.74 7.99 -11.81
CA TYR A 182 7.41 8.82 -10.67
C TYR A 182 7.04 10.24 -11.08
N GLN A 183 5.88 10.70 -10.67
CA GLN A 183 5.36 12.01 -11.03
C GLN A 183 5.17 12.24 -12.54
N LYS A 184 5.28 11.19 -13.36
CA LYS A 184 5.00 11.31 -14.80
C LYS A 184 3.79 10.52 -15.21
N ALA A 185 3.11 9.87 -14.26
CA ALA A 185 2.10 8.88 -14.67
C ALA A 185 1.02 8.81 -13.64
N VAL A 186 -0.24 8.89 -14.07
CA VAL A 186 -1.33 8.70 -13.14
C VAL A 186 -2.05 7.44 -13.56
N VAL A 187 -2.07 6.45 -12.70
CA VAL A 187 -2.52 5.11 -13.14
C VAL A 187 -4.01 5.36 -13.27
N THR A 188 -4.59 4.91 -14.39
CA THR A 188 -6.04 5.03 -14.57
C THR A 188 -6.77 3.70 -14.51
N ALA A 189 -6.07 2.56 -14.64
CA ALA A 189 -6.80 1.30 -14.56
C ALA A 189 -5.73 0.24 -14.48
N VAL A 190 -6.15 -0.94 -14.04
CA VAL A 190 -5.29 -2.12 -13.77
C VAL A 190 -5.97 -3.31 -14.49
N GLY A 191 -5.19 -4.07 -15.26
CA GLY A 191 -5.62 -5.34 -15.81
C GLY A 191 -5.20 -6.53 -14.94
N LEU A 192 -6.18 -7.31 -14.47
CA LEU A 192 -5.89 -8.42 -13.58
C LEU A 192 -6.16 -9.67 -14.33
N LYS A 193 -5.34 -10.71 -14.10
CA LYS A 193 -5.50 -11.97 -14.87
C LYS A 193 -5.43 -13.12 -13.91
N PHE A 194 -6.42 -14.00 -13.93
CA PHE A 194 -6.47 -15.13 -12.99
C PHE A 194 -6.77 -16.44 -13.69
N ALA A 195 -5.89 -17.40 -13.50
CA ALA A 195 -6.13 -18.75 -14.02
C ALA A 195 -7.44 -19.33 -13.48
N LYS A 196 -8.20 -19.94 -14.39
CA LYS A 196 -9.45 -20.64 -13.99
C LYS A 196 -9.19 -21.90 -13.18
N ALA A 197 -8.01 -22.48 -13.31
CA ALA A 197 -7.59 -23.59 -12.48
C ALA A 197 -6.90 -22.92 -11.31
N TRP A 198 -7.68 -22.60 -10.29
CA TRP A 198 -7.19 -21.80 -9.17
C TRP A 198 -6.30 -22.65 -8.23
N GLN A 199 -5.23 -22.05 -7.73
CA GLN A 199 -4.38 -22.70 -6.76
C GLN A 199 -4.26 -21.93 -5.44
N PRO A 200 -4.82 -22.48 -4.37
CA PRO A 200 -4.69 -21.78 -3.10
C PRO A 200 -3.22 -21.52 -2.74
N ILE A 201 -2.92 -20.35 -2.21
CA ILE A 201 -1.60 -20.04 -1.74
C ILE A 201 -1.74 -20.01 -0.23
N ILE A 202 -1.09 -20.92 0.48
CA ILE A 202 -1.61 -21.28 1.80
C ILE A 202 -0.48 -21.70 2.81
N GLN A 203 0.62 -20.93 2.77
CA GLN A 203 1.84 -21.22 3.50
C GLN A 203 2.12 -20.18 4.59
N TYR A 204 1.29 -19.15 4.66
CA TYR A 204 1.57 -18.04 5.57
C TYR A 204 0.57 -17.89 6.70
N GLY A 205 1.10 -17.52 7.87
CA GLY A 205 0.27 -17.29 9.09
C GLY A 205 -0.82 -18.35 9.24
N PRO A 206 -2.06 -17.92 9.54
CA PRO A 206 -3.07 -18.93 9.89
C PRO A 206 -3.58 -19.72 8.69
N LEU A 207 -3.12 -19.41 7.47
CA LEU A 207 -3.56 -20.13 6.30
C LEU A 207 -2.91 -21.52 6.26
N LYS A 208 -1.89 -21.70 7.11
CA LYS A 208 -1.16 -22.96 7.17
C LYS A 208 -2.07 -24.04 7.69
N ASP A 209 -3.17 -23.66 8.36
CA ASP A 209 -4.09 -24.69 8.89
C ASP A 209 -5.03 -25.22 7.85
N LEU A 210 -5.07 -24.53 6.74
CA LEU A 210 -5.95 -24.91 5.64
C LEU A 210 -5.26 -25.98 4.84
N SER A 211 -6.07 -26.65 4.05
CA SER A 211 -5.63 -27.75 3.31
C SER A 211 -5.78 -27.42 1.84
N SER A 212 -5.11 -28.15 0.97
CA SER A 212 -4.93 -27.63 -0.38
C SER A 212 -6.13 -27.85 -1.30
N ASP A 213 -7.17 -28.47 -0.78
CA ASP A 213 -8.40 -28.60 -1.55
C ASP A 213 -9.54 -27.76 -0.98
N CYS A 214 -9.20 -26.67 -0.31
CA CYS A 214 -10.17 -25.75 0.29
C CYS A 214 -10.72 -24.86 -0.80
N ALA A 215 -11.77 -24.09 -0.50
CA ALA A 215 -12.40 -23.20 -1.44
C ALA A 215 -11.85 -21.81 -1.30
N ILE A 216 -11.98 -21.04 -2.37
CA ILE A 216 -11.69 -19.60 -2.36
C ILE A 216 -12.22 -18.89 -1.11
N HIS A 217 -13.50 -19.10 -0.85
CA HIS A 217 -14.11 -18.55 0.30
C HIS A 217 -13.36 -18.93 1.60
N ASP A 218 -12.94 -20.19 1.74
CA ASP A 218 -12.23 -20.64 2.96
C ASP A 218 -11.00 -19.81 3.23
N VAL A 219 -10.24 -19.56 2.16
CA VAL A 219 -9.01 -18.78 2.27
C VAL A 219 -9.38 -17.30 2.64
N TYR A 220 -10.35 -16.75 1.92
CA TYR A 220 -10.75 -15.37 2.12
C TYR A 220 -11.22 -15.12 3.56
N GLN A 221 -12.09 -15.97 4.05
CA GLN A 221 -12.56 -15.88 5.45
C GLN A 221 -11.40 -15.86 6.45
N ARG A 222 -10.46 -16.79 6.33
CA ARG A 222 -9.26 -16.80 7.18
C ARG A 222 -8.41 -15.55 7.09
N VAL A 223 -8.21 -15.00 5.91
CA VAL A 223 -7.43 -13.82 5.79
C VAL A 223 -8.16 -12.69 6.47
N CYS A 224 -9.47 -12.54 6.19
CA CYS A 224 -10.19 -11.46 6.82
C CYS A 224 -10.12 -11.64 8.31
N ALA A 225 -10.34 -12.87 8.78
CA ALA A 225 -10.41 -13.10 10.21
C ALA A 225 -9.13 -12.65 10.90
N THR A 226 -7.98 -13.19 10.48
CA THR A 226 -6.68 -12.78 11.03
C THR A 226 -6.39 -11.29 10.95
N ARG A 227 -6.59 -10.70 9.80
CA ARG A 227 -6.32 -9.27 9.65
C ARG A 227 -7.17 -8.37 10.57
N MSE A 228 -8.45 -8.69 10.66
CA MSE A 228 -9.33 -7.90 11.51
C MSE A 228 -8.92 -8.10 12.97
O MSE A 228 -9.09 -7.20 13.80
CB MSE A 228 -10.79 -8.27 11.30
CG MSE A 228 -11.15 -8.10 9.90
SE MSE A 228 -12.94 -8.77 9.48
CE MSE A 228 -13.48 -7.52 8.02
N GLU A 229 -8.30 -9.26 13.26
CA GLU A 229 -7.80 -9.49 14.61
C GLU A 229 -6.54 -8.69 14.91
N LYS A 230 -5.55 -8.67 14.01
CA LYS A 230 -4.21 -8.15 14.29
C LYS A 230 -4.00 -6.66 13.98
N LEU A 231 -4.68 -6.19 12.94
CA LEU A 231 -4.47 -4.84 12.46
C LEU A 231 -5.61 -3.93 12.92
N PRO A 232 -5.26 -2.80 13.55
CA PRO A 232 -6.28 -1.85 13.98
C PRO A 232 -6.99 -1.27 12.79
N ASP A 233 -8.31 -1.19 12.88
CA ASP A 233 -9.09 -0.53 11.87
C ASP A 233 -8.82 0.98 12.06
N PRO A 234 -8.35 1.66 10.99
CA PRO A 234 -7.91 3.05 11.08
C PRO A 234 -9.03 4.03 11.45
N ALA A 235 -10.28 3.67 11.24
CA ALA A 235 -11.37 4.56 11.66
C ALA A 235 -11.49 4.43 13.17
N VAL A 236 -10.80 3.47 13.77
CA VAL A 236 -10.76 3.40 15.25
C VAL A 236 -9.49 3.99 15.83
N MSE A 237 -8.36 3.54 15.31
CA MSE A 237 -7.11 4.20 15.58
C MSE A 237 -6.35 4.27 14.28
O MSE A 237 -6.03 3.21 13.70
CB MSE A 237 -6.30 3.41 16.56
CG MSE A 237 -6.90 3.51 17.95
SE MSE A 237 -5.59 2.64 19.07
CE MSE A 237 -5.14 0.97 18.14
N GLY A 238 -6.07 5.51 13.89
CA GLY A 238 -5.38 5.85 12.68
C GLY A 238 -4.04 5.16 12.57
N ASN A 239 -3.74 4.69 11.37
CA ASN A 239 -2.42 4.18 11.08
C ASN A 239 -2.33 4.02 9.57
N ALA A 240 -1.14 3.59 9.11
CA ALA A 240 -0.80 3.45 7.68
C ALA A 240 -0.22 2.03 7.52
N GLY A 241 -0.60 1.12 8.44
CA GLY A 241 -0.19 -0.24 8.23
C GLY A 241 1.23 -0.39 8.75
N SER A 242 1.91 -1.41 8.19
CA SER A 242 3.30 -1.65 8.50
C SER A 242 4.08 -0.40 8.12
N PHE A 243 4.66 0.29 9.10
CA PHE A 243 5.42 1.53 8.84
C PHE A 243 6.74 1.32 8.05
N PHE A 244 7.43 0.23 8.34
CA PHE A 244 8.68 -0.10 7.64
C PHE A 244 8.51 -1.29 6.68
N LYS A 245 9.39 -1.35 5.66
CA LYS A 245 9.54 -2.57 4.89
C LYS A 245 10.36 -3.59 5.66
N ASN A 246 10.14 -4.85 5.37
CA ASN A 246 11.11 -5.89 5.84
C ASN A 246 12.44 -5.71 5.10
N PRO A 247 13.54 -5.55 5.86
CA PRO A 247 14.80 -5.29 5.16
C PRO A 247 15.26 -6.53 4.44
N VAL A 248 15.81 -6.36 3.25
CA VAL A 248 16.32 -7.53 2.52
C VAL A 248 17.86 -7.46 2.55
N ILE A 249 18.51 -8.48 3.08
CA ILE A 249 19.98 -8.48 3.18
C ILE A 249 20.53 -9.71 2.48
N SER A 250 21.84 -9.75 2.19
CA SER A 250 22.45 -10.96 1.56
C SER A 250 22.28 -12.18 2.43
N GLN A 251 22.52 -13.33 1.83
CA GLN A 251 22.59 -14.57 2.60
C GLN A 251 23.65 -14.52 3.71
N GLN A 252 24.87 -14.22 3.29
CA GLN A 252 25.96 -14.03 4.20
C GLN A 252 25.66 -13.03 5.31
N ALA A 253 25.04 -11.90 4.93
CA ALA A 253 24.69 -10.86 5.88
C ALA A 253 23.74 -11.44 6.92
N PHE A 254 22.77 -12.18 6.44
CA PHE A 254 21.85 -12.88 7.29
C PHE A 254 22.48 -13.92 8.21
N ALA A 255 23.41 -14.72 7.67
CA ALA A 255 24.09 -15.72 8.48
C ALA A 255 24.88 -15.07 9.62
N ARG A 256 25.54 -13.96 9.30
CA ARG A 256 26.24 -13.15 10.30
C ARG A 256 25.31 -12.73 11.46
N LEU A 257 24.16 -12.16 11.10
CA LEU A 257 23.11 -11.69 12.00
C LEU A 257 22.64 -12.84 12.88
N GLN A 258 22.41 -13.94 12.20
CA GLN A 258 21.89 -15.12 12.82
C GLN A 258 22.89 -15.78 13.80
N ILE A 259 24.17 -15.44 13.74
CA ILE A 259 25.08 -15.97 14.77
C ILE A 259 24.79 -15.36 16.15
N GLU A 260 24.56 -14.04 16.18
CA GLU A 260 24.18 -13.40 17.43
C GLU A 260 22.71 -13.56 17.78
N HIS A 261 21.90 -13.78 16.76
CA HIS A 261 20.47 -13.89 17.02
C HIS A 261 19.95 -15.12 16.27
N PRO A 262 20.22 -16.32 16.83
CA PRO A 262 19.86 -17.59 16.16
C PRO A 262 18.34 -17.74 15.94
N ASP A 263 17.56 -17.01 16.73
CA ASP A 263 16.11 -16.94 16.70
C ASP A 263 15.47 -16.13 15.52
N VAL A 264 16.28 -15.36 14.79
CA VAL A 264 15.77 -14.32 13.90
C VAL A 264 14.82 -14.85 12.78
N VAL A 265 13.68 -14.20 12.56
CA VAL A 265 12.74 -14.67 11.53
C VAL A 265 12.95 -14.10 10.10
N ALA A 266 12.85 -15.00 9.13
CA ALA A 266 13.18 -14.71 7.78
C ALA A 266 11.98 -14.95 6.89
N TYR A 267 11.97 -14.30 5.75
CA TYR A 267 10.96 -14.57 4.76
C TYR A 267 11.68 -14.79 3.44
N PRO A 268 11.04 -15.50 2.50
CA PRO A 268 11.72 -15.79 1.25
C PRO A 268 11.98 -14.52 0.41
N ALA A 269 13.00 -14.56 -0.45
CA ALA A 269 13.30 -13.48 -1.37
C ALA A 269 14.20 -14.10 -2.43
N GLU A 270 14.16 -13.65 -3.67
CA GLU A 270 15.13 -14.26 -4.58
C GLU A 270 16.55 -13.74 -4.34
N GLN A 271 16.68 -12.41 -4.32
CA GLN A 271 17.97 -11.80 -3.92
C GLN A 271 18.07 -11.79 -2.39
N GLY A 272 19.09 -12.44 -1.83
CA GLY A 272 19.32 -12.51 -0.38
C GLY A 272 18.12 -12.90 0.49
N VAL A 273 18.17 -12.51 1.77
CA VAL A 273 17.13 -12.85 2.76
C VAL A 273 16.28 -11.63 3.22
N LYS A 274 14.98 -11.83 3.31
CA LYS A 274 14.12 -10.78 3.83
C LYS A 274 13.95 -11.10 5.32
N VAL A 275 14.29 -10.16 6.18
CA VAL A 275 14.12 -10.39 7.61
C VAL A 275 12.84 -9.73 8.19
N ALA A 276 12.14 -10.43 9.08
CA ALA A 276 10.87 -9.92 9.60
C ALA A 276 11.13 -8.75 10.55
N ALA A 277 10.79 -7.54 10.10
CA ALA A 277 10.97 -6.35 10.92
C ALA A 277 10.10 -6.37 12.18
N GLY A 278 8.90 -6.97 12.11
CA GLY A 278 8.05 -7.14 13.27
C GLY A 278 8.81 -7.79 14.41
N TRP A 279 9.46 -8.90 14.08
CA TRP A 279 10.30 -9.61 14.99
C TRP A 279 11.47 -8.75 15.53
N LEU A 280 12.19 -8.05 14.65
CA LEU A 280 13.28 -7.16 15.06
C LEU A 280 12.79 -6.13 16.10
N ILE A 281 11.67 -5.47 15.80
CA ILE A 281 11.13 -4.44 16.66
C ILE A 281 10.65 -5.03 18.02
N ASP A 282 10.02 -6.17 17.93
CA ASP A 282 9.52 -6.83 19.09
C ASP A 282 10.68 -7.28 20.04
N GLN A 283 11.74 -7.89 19.46
CA GLN A 283 12.89 -8.34 20.27
C GLN A 283 13.64 -7.13 20.77
N ALA A 284 13.59 -6.04 20.02
CA ALA A 284 14.30 -4.85 20.45
C ALA A 284 13.54 -4.26 21.67
N GLY A 285 12.44 -4.92 22.04
CA GLY A 285 11.56 -4.50 23.12
C GLY A 285 10.80 -3.21 22.90
N LEU A 286 10.32 -2.96 21.68
CA LEU A 286 9.62 -1.71 21.33
C LEU A 286 8.05 -1.73 21.41
N LYS A 287 7.45 -2.91 21.53
CA LYS A 287 5.99 -3.05 21.63
C LYS A 287 5.42 -2.15 22.70
N GLY A 288 4.39 -1.40 22.33
CA GLY A 288 3.76 -0.47 23.20
C GLY A 288 4.43 0.88 23.37
N HIS A 289 5.62 1.10 22.79
CA HIS A 289 6.37 2.32 23.03
C HIS A 289 5.66 3.54 22.41
N GLN A 290 5.53 4.60 23.19
CA GLN A 290 4.77 5.76 22.79
C GLN A 290 5.61 7.01 22.77
N ILE A 291 5.40 7.85 21.77
CA ILE A 291 5.87 9.23 21.83
C ILE A 291 4.65 10.12 21.45
N GLY A 292 4.26 11.04 22.34
CA GLY A 292 3.08 11.90 22.09
C GLY A 292 1.90 10.97 21.83
N GLY A 293 1.21 11.15 20.69
CA GLY A 293 0.02 10.35 20.39
C GLY A 293 0.31 9.12 19.54
N ALA A 294 1.59 8.85 19.28
CA ALA A 294 2.00 7.77 18.39
C ALA A 294 2.57 6.61 19.19
N LYS A 295 2.13 5.40 18.85
CA LYS A 295 2.47 4.20 19.64
C LYS A 295 2.75 2.99 18.74
N VAL A 296 3.74 2.18 19.11
CA VAL A 296 3.95 0.87 18.52
C VAL A 296 2.85 -0.07 19.05
N HIS A 297 1.98 -0.51 18.15
CA HIS A 297 0.91 -1.46 18.47
C HIS A 297 1.47 -2.83 18.97
N PRO A 298 1.08 -3.27 20.19
CA PRO A 298 1.66 -4.53 20.68
C PRO A 298 1.36 -5.83 19.90
N LYS A 299 0.29 -5.87 19.11
CA LYS A 299 -0.19 -7.08 18.40
C LYS A 299 0.37 -7.21 16.97
N GLN A 300 1.04 -6.16 16.55
CA GLN A 300 1.66 -6.15 15.26
C GLN A 300 2.59 -4.95 15.31
N ALA A 301 3.83 -5.24 15.65
CA ALA A 301 4.76 -4.22 16.07
C ALA A 301 5.33 -3.34 14.96
N LEU A 302 5.06 -3.69 13.70
CA LEU A 302 5.42 -2.82 12.59
C LEU A 302 4.46 -1.62 12.44
N VAL A 303 3.28 -1.70 13.05
CA VAL A 303 2.24 -0.69 12.84
C VAL A 303 2.38 0.35 13.93
N ILE A 304 2.74 1.57 13.51
CA ILE A 304 2.59 2.77 14.40
C ILE A 304 1.14 3.24 14.29
N VAL A 305 0.51 3.43 15.47
CA VAL A 305 -0.88 3.80 15.51
C VAL A 305 -0.96 5.16 16.13
N ASN A 306 -1.96 5.91 15.69
CA ASN A 306 -2.36 7.17 16.29
C ASN A 306 -3.32 6.84 17.45
N THR A 307 -2.93 7.05 18.71
CA THR A 307 -3.85 6.74 19.78
C THR A 307 -4.95 7.81 19.94
N GLY A 308 -4.97 8.81 19.07
CA GLY A 308 -6.03 9.83 19.14
C GLY A 308 -5.58 11.27 18.87
N ASP A 309 -4.38 11.64 19.32
CA ASP A 309 -3.90 13.02 19.21
C ASP A 309 -2.51 13.14 18.63
N ALA A 310 -2.04 12.10 17.96
CA ALA A 310 -0.75 12.17 17.26
C ALA A 310 -0.62 13.37 16.32
N SER A 311 0.57 13.95 16.32
CA SER A 311 1.05 14.82 15.23
C SER A 311 1.88 13.95 14.29
N ALA A 312 2.18 14.43 13.07
CA ALA A 312 3.15 13.77 12.15
C ALA A 312 4.51 13.71 12.83
N GLN A 313 4.87 14.76 13.57
CA GLN A 313 6.12 14.79 14.36
C GLN A 313 6.22 13.64 15.33
N ASP A 314 5.11 13.25 15.95
CA ASP A 314 5.14 12.09 16.86
C ASP A 314 5.54 10.87 16.09
N VAL A 315 4.89 10.68 14.93
CA VAL A 315 4.99 9.46 14.20
C VAL A 315 6.44 9.41 13.73
N LEU A 316 6.91 10.53 13.22
CA LEU A 316 8.26 10.60 12.74
C LEU A 316 9.27 10.40 13.86
N MSE A 317 9.08 10.98 15.02
CA MSE A 317 10.04 10.67 16.07
C MSE A 317 9.97 9.22 16.55
O MSE A 317 11.00 8.63 16.93
CB MSE A 317 9.88 11.58 17.30
CG MSE A 317 10.20 13.03 17.00
SE MSE A 317 9.79 14.12 18.60
CE MSE A 317 9.74 15.94 17.79
N LEU A 318 8.79 8.64 16.56
CA LEU A 318 8.69 7.24 16.99
C LEU A 318 9.43 6.38 15.98
N ALA A 319 9.13 6.56 14.68
CA ALA A 319 9.89 5.92 13.58
C ALA A 319 11.39 6.06 13.78
N ALA A 320 11.88 7.27 14.05
CA ALA A 320 13.31 7.48 14.32
C ALA A 320 13.83 6.69 15.54
N ASP A 321 13.02 6.65 16.60
CA ASP A 321 13.40 5.92 17.77
C ASP A 321 13.50 4.40 17.48
N ILE A 322 12.59 3.87 16.66
CA ILE A 322 12.53 2.43 16.39
C ILE A 322 13.71 2.04 15.54
N GLN A 323 13.85 2.75 14.43
CA GLN A 323 15.00 2.66 13.58
C GLN A 323 16.36 2.70 14.30
N GLN A 324 16.49 3.63 15.23
CA GLN A 324 17.69 3.73 16.07
C GLN A 324 17.95 2.50 16.89
N ARG A 325 16.94 2.12 17.67
CA ARG A 325 17.04 0.96 18.51
C ARG A 325 17.31 -0.28 17.63
N VAL A 326 16.54 -0.44 16.55
CA VAL A 326 16.77 -1.62 15.72
C VAL A 326 18.24 -1.68 15.16
N PHE A 327 18.77 -0.54 14.70
CA PHE A 327 20.13 -0.50 14.16
C PHE A 327 21.14 -0.90 15.22
N ASN A 328 20.84 -0.57 16.47
CA ASN A 328 21.79 -0.87 17.50
C ASN A 328 21.81 -2.31 17.91
N CYS A 329 20.64 -2.93 18.03
CA CYS A 329 20.56 -4.33 18.39
C CYS A 329 21.07 -5.24 17.31
N TYR A 330 20.97 -4.81 16.06
CA TYR A 330 21.19 -5.72 14.95
C TYR A 330 22.02 -5.17 13.84
N GLY A 331 22.40 -3.91 13.91
CA GLY A 331 23.19 -3.32 12.84
C GLY A 331 22.42 -3.19 11.52
N ILE A 332 21.08 -3.25 11.61
CA ILE A 332 20.17 -3.24 10.45
C ILE A 332 19.42 -1.92 10.40
N GLU A 333 19.29 -1.42 9.19
CA GLU A 333 18.70 -0.14 8.94
C GLU A 333 17.36 -0.29 8.22
N LEU A 334 16.28 -0.19 9.01
CA LEU A 334 14.87 -0.24 8.55
C LEU A 334 14.50 0.93 7.62
N GLU A 335 13.92 0.61 6.47
CA GLU A 335 13.40 1.62 5.56
C GLU A 335 11.90 1.81 5.59
N HIS A 336 11.51 3.05 5.90
CA HIS A 336 10.11 3.39 5.96
C HIS A 336 9.44 3.07 4.63
N GLU A 337 8.23 2.51 4.72
CA GLU A 337 7.40 2.24 3.56
C GLU A 337 6.33 3.35 3.32
N VAL A 338 5.91 4.02 4.40
CA VAL A 338 4.88 5.08 4.36
C VAL A 338 5.49 6.30 3.62
N ARG A 339 4.72 7.01 2.79
CA ARG A 339 5.30 8.15 2.06
C ARG A 339 5.20 9.38 2.92
N PHE A 340 6.30 10.11 3.07
CA PHE A 340 6.23 11.36 3.83
C PHE A 340 6.02 12.55 2.93
N ILE A 341 4.87 13.23 3.11
CA ILE A 341 4.51 14.39 2.32
C ILE A 341 4.90 15.73 2.98
N GLY A 342 5.54 16.63 2.21
CA GLY A 342 5.89 17.96 2.67
C GLY A 342 4.85 18.92 2.12
N GLU A 343 5.25 20.17 1.83
CA GLU A 343 4.34 21.21 1.31
C GLU A 343 3.71 20.82 -0.01
N SER A 344 4.44 20.06 -0.84
CA SER A 344 4.10 19.81 -2.27
C SER A 344 4.14 18.37 -2.73
N GLU A 345 5.15 17.64 -2.24
CA GLU A 345 5.48 16.30 -2.71
C GLU A 345 6.31 15.65 -1.56
N GLU A 346 6.80 14.41 -1.72
CA GLU A 346 7.57 13.69 -0.70
C GLU A 346 8.82 14.33 -0.16
N THR A 347 9.15 14.06 1.09
CA THR A 347 10.45 14.46 1.58
C THR A 347 11.27 13.27 2.09
N ASN A 348 12.54 13.53 2.41
CA ASN A 348 13.55 12.55 2.92
C ASN A 348 13.17 11.05 2.77
PA FAD B . -2.09 6.37 -1.18
O1A FAD B . -1.62 6.33 0.23
O2A FAD B . -3.23 7.35 -1.41
O5B FAD B . -0.89 6.81 -2.13
C5B FAD B . 0.34 6.08 -2.08
C4B FAD B . 1.29 6.57 -3.15
O4B FAD B . 0.85 6.24 -4.49
C3B FAD B . 1.47 8.10 -3.10
O3B FAD B . 2.80 8.33 -3.48
C2B FAD B . 0.57 8.52 -4.23
O2B FAD B . 0.85 9.75 -4.79
C1B FAD B . 0.71 7.42 -5.26
N9A FAD B . -0.52 7.23 -6.06
C8A FAD B . -1.80 7.03 -5.54
N7A FAD B . -2.65 6.83 -6.59
C5A FAD B . -1.96 6.93 -7.76
C6A FAD B . -2.35 6.78 -9.11
N6A FAD B . -3.61 6.55 -9.50
N1A FAD B . -1.39 6.90 -10.05
C2A FAD B . -0.07 7.13 -9.71
N3A FAD B . 0.29 7.29 -8.40
C4A FAD B . -0.63 7.14 -7.43
N1 FAD B . 0.25 -2.60 1.97
C2 FAD B . 0.67 -3.81 1.53
O2 FAD B . 1.44 -3.85 0.57
N3 FAD B . 0.28 -4.98 2.18
C4 FAD B . -0.52 -4.97 3.27
O4 FAD B . -0.85 -6.06 3.80
C4X FAD B . -1.00 -3.73 3.74
N5 FAD B . -1.82 -3.68 4.85
C5X FAD B . -2.23 -2.42 5.29
C6 FAD B . -3.10 -2.34 6.39
C7 FAD B . -3.58 -1.09 6.83
C7M FAD B . -4.50 -1.03 8.04
C8 FAD B . -3.16 0.07 6.16
C8M FAD B . -3.63 1.45 6.63
C9 FAD B . -2.30 0.00 5.06
C9A FAD B . -1.84 -1.24 4.65
N10 FAD B . -0.99 -1.32 3.56
C10 FAD B . -0.57 -2.56 3.11
C1' FAD B . -0.46 -0.08 2.86
C2' FAD B . -1.42 0.34 1.75
O2' FAD B . -2.68 -0.28 1.95
C3' FAD B . -0.95 0.12 0.31
O3' FAD B . 0.32 0.72 0.09
C4' FAD B . -1.91 0.69 -0.71
O4' FAD B . -1.52 0.23 -2.02
C5' FAD B . -1.99 2.23 -0.79
O5' FAD B . -3.19 2.61 -1.46
P FAD B . -3.74 4.14 -1.40
O1P FAD B . -4.88 4.09 -2.37
O2P FAD B . -4.07 4.51 0.03
O3P FAD B . -2.47 4.99 -1.84
P PO4 C . 5.65 -5.11 5.20
O1 PO4 C . 4.82 -4.06 4.49
O2 PO4 C . 6.97 -4.47 5.58
O3 PO4 C . 4.87 -5.60 6.42
O4 PO4 C . 5.91 -6.29 4.23
P PO4 D . -17.14 13.67 -14.14
O1 PO4 D . -16.45 13.57 -15.49
O2 PO4 D . -16.61 14.86 -13.36
O3 PO4 D . -18.64 13.83 -14.31
O4 PO4 D . -16.91 12.39 -13.37
#